data_3A4L
#
_entry.id   3A4L
#
_cell.length_a   58.134
_cell.length_b   74.452
_cell.length_c   64.698
_cell.angle_alpha   90.00
_cell.angle_beta   113.64
_cell.angle_gamma   90.00
#
_symmetry.space_group_name_H-M   'P 1 21 1'
#
loop_
_entity.id
_entity.type
_entity.pdbx_description
1 polymer 'L-seryl-tRNA(Sec) kinase'
2 non-polymer 'PHOSPHOAMINOPHOSPHONIC ACID-ADENYLATE ESTER'
3 non-polymer 'MAGNESIUM ION'
4 non-polymer 'IODIDE ION'
5 non-polymer 1,2-ETHANEDIOL
6 water water
#
_entity_poly.entity_id   1
_entity_poly.type   'polypeptide(L)'
_entity_poly.pdbx_seq_one_letter_code
;MGDIMLIILTGLPGVGKSTFSKNLAKILSKNNIDVIVLGSDLIRESFPVWKEKYEEFIKKSTYRLIDSALKNYWVIVDDT
NYYNSMRRDLINIAKKYNKNYAIIYLKASLDVLIRRNIERGEKIPNEVIKKMYEKFDEPGKKYKWDEPFLIIDTTKDIDF
NEIAKKLIEKSKEIPKFYVLEENKNKNNNISDKIDKETRKIVSEYIKSKKLDKDKIKEVVELRKEFLKKIKKMEEVDADR
VLKEFKDLLNSYLEHHHHHH
;
_entity_poly.pdbx_strand_id   A,B
#
loop_
_chem_comp.id
_chem_comp.type
_chem_comp.name
_chem_comp.formula
ANP non-polymer 'PHOSPHOAMINOPHOSPHONIC ACID-ADENYLATE ESTER' 'C10 H17 N6 O12 P3'
EDO non-polymer 1,2-ETHANEDIOL 'C2 H6 O2'
IOD non-polymer 'IODIDE ION' 'I -1'
MG non-polymer 'MAGNESIUM ION' 'Mg 2'
#
# COMPACT_ATOMS: atom_id res chain seq x y z
N ASP A 3 8.41 21.79 -10.22
CA ASP A 3 9.15 21.81 -8.98
C ASP A 3 8.83 20.56 -8.14
N ILE A 4 9.03 19.40 -8.75
CA ILE A 4 8.80 18.12 -8.10
C ILE A 4 10.14 17.55 -7.70
N MET A 5 10.25 16.95 -6.52
CA MET A 5 11.49 16.23 -6.22
C MET A 5 11.27 14.87 -5.64
N LEU A 6 12.31 14.04 -5.76
CA LEU A 6 12.33 12.71 -5.21
C LEU A 6 13.19 12.72 -3.93
N ILE A 7 12.56 12.37 -2.82
CA ILE A 7 13.25 12.26 -1.55
C ILE A 7 13.49 10.77 -1.22
N ILE A 8 14.76 10.41 -1.09
CA ILE A 8 15.15 9.02 -0.88
C ILE A 8 15.62 8.80 0.56
N LEU A 9 14.81 8.16 1.38
CA LEU A 9 15.28 7.78 2.70
C LEU A 9 16.22 6.60 2.64
N THR A 10 17.11 6.55 3.62
CA THR A 10 17.95 5.40 3.81
C THR A 10 18.29 5.31 5.28
N GLY A 11 18.35 4.09 5.79
CA GLY A 11 18.57 3.89 7.20
C GLY A 11 18.10 2.54 7.69
N LEU A 12 18.75 2.08 8.74
CA LEU A 12 18.55 0.70 9.21
C LEU A 12 17.18 0.50 9.84
N PRO A 13 16.74 -0.77 9.99
CA PRO A 13 15.44 -1.10 10.56
C PRO A 13 15.23 -0.47 11.93
N GLY A 14 14.06 0.13 12.13
CA GLY A 14 13.74 0.81 13.38
C GLY A 14 14.35 2.18 13.61
N VAL A 15 15.08 2.70 12.62
CA VAL A 15 15.72 3.99 12.78
C VAL A 15 14.68 5.13 12.77
N GLY A 16 13.49 4.86 12.22
CA GLY A 16 12.40 5.82 12.21
C GLY A 16 12.06 6.41 10.84
N LYS A 17 12.31 5.64 9.79
CA LYS A 17 11.99 6.09 8.43
C LYS A 17 10.52 6.42 8.20
N SER A 18 9.64 5.50 8.60
CA SER A 18 8.22 5.70 8.35
C SER A 18 7.65 6.84 9.17
N THR A 19 8.06 6.93 10.44
CA THR A 19 7.64 8.04 11.29
C THR A 19 8.16 9.37 10.73
N PHE A 20 9.41 9.37 10.31
CA PHE A 20 9.98 10.57 9.71
C PHE A 20 9.22 10.91 8.43
N SER A 21 8.91 9.90 7.61
CA SER A 21 8.21 10.12 6.35
C SER A 21 6.88 10.82 6.60
N LYS A 22 6.14 10.31 7.57
CA LYS A 22 4.81 10.84 7.82
C LYS A 22 4.84 12.27 8.35
N ASN A 23 5.81 12.57 9.21
CA ASN A 23 6.01 13.92 9.72
C ASN A 23 6.43 14.87 8.62
N LEU A 24 7.35 14.45 7.78
CA LEU A 24 7.80 15.32 6.67
C LEU A 24 6.70 15.58 5.66
N ALA A 25 5.94 14.53 5.34
CA ALA A 25 4.81 14.68 4.42
C ALA A 25 3.79 15.65 4.97
N LYS A 26 3.54 15.58 6.27
CA LYS A 26 2.57 16.51 6.84
C LYS A 26 3.01 17.96 6.68
N ILE A 27 4.28 18.23 6.96
CA ILE A 27 4.76 19.61 6.87
C ILE A 27 4.81 20.11 5.42
N LEU A 28 5.16 19.21 4.49
CA LEU A 28 5.22 19.61 3.10
C LEU A 28 3.81 19.95 2.62
N SER A 29 2.84 19.13 3.00
CA SER A 29 1.48 19.36 2.53
C SER A 29 0.91 20.66 3.14
N LYS A 30 1.38 20.99 4.34
CA LYS A 30 1.07 22.29 4.96
C LYS A 30 1.53 23.46 4.12
N ASN A 31 2.62 23.25 3.37
CA ASN A 31 3.19 24.25 2.49
C ASN A 31 2.64 24.11 1.07
N ASN A 32 1.53 23.39 0.95
CA ASN A 32 0.81 23.16 -0.29
C ASN A 32 1.64 22.39 -1.31
N ILE A 33 2.48 21.49 -0.83
CA ILE A 33 3.20 20.61 -1.75
C ILE A 33 2.43 19.29 -1.84
N ASP A 34 2.22 18.81 -3.06
CA ASP A 34 1.59 17.49 -3.23
C ASP A 34 2.68 16.43 -3.13
N VAL A 35 2.61 15.62 -2.07
CA VAL A 35 3.62 14.60 -1.82
C VAL A 35 2.98 13.25 -1.47
N ILE A 36 3.60 12.18 -1.94
CA ILE A 36 3.17 10.83 -1.60
C ILE A 36 4.32 10.05 -0.98
N VAL A 37 4.01 9.25 0.02
CA VAL A 37 5.01 8.40 0.66
C VAL A 37 4.88 7.00 0.09
N LEU A 38 5.95 6.46 -0.49
CA LEU A 38 5.86 5.15 -1.11
C LEU A 38 7.03 4.32 -0.64
N GLY A 39 6.74 3.07 -0.31
CA GLY A 39 7.80 2.15 0.08
C GLY A 39 7.40 0.71 -0.12
N SER A 40 8.39 -0.18 -0.17
CA SER A 40 8.11 -1.57 -0.54
C SER A 40 7.16 -2.27 0.42
N ASP A 41 7.12 -1.85 1.69
CA ASP A 41 6.25 -2.54 2.65
C ASP A 41 4.79 -2.39 2.24
N LEU A 42 4.47 -1.37 1.46
CA LEU A 42 3.07 -1.20 1.04
C LEU A 42 2.60 -2.45 0.29
N ILE A 43 3.44 -2.94 -0.61
CA ILE A 43 3.09 -4.12 -1.40
C ILE A 43 3.39 -5.43 -0.65
N ARG A 44 4.52 -5.44 0.05
CA ARG A 44 4.97 -6.65 0.76
C ARG A 44 3.92 -7.11 1.78
N GLU A 45 3.35 -6.14 2.48
CA GLU A 45 2.42 -6.44 3.56
C GLU A 45 0.99 -6.62 3.03
N SER A 46 0.83 -6.53 1.72
CA SER A 46 -0.47 -6.86 1.09
C SER A 46 -0.61 -8.33 0.79
N PHE A 47 0.49 -9.08 0.89
CA PHE A 47 0.42 -10.56 0.87
C PHE A 47 0.22 -11.04 2.31
N PRO A 48 -0.48 -12.18 2.48
CA PRO A 48 -0.76 -12.63 3.85
C PRO A 48 0.46 -13.33 4.47
N VAL A 49 1.38 -13.73 3.61
CA VAL A 49 2.63 -14.39 4.01
C VAL A 49 3.80 -13.84 3.20
N TRP A 50 5.03 -14.13 3.63
CA TRP A 50 6.18 -13.77 2.83
C TRP A 50 6.76 -14.99 2.12
N LYS A 51 7.08 -14.84 0.84
CA LYS A 51 7.81 -15.85 0.10
C LYS A 51 8.82 -15.10 -0.73
N GLU A 52 10.01 -15.68 -0.92
CA GLU A 52 11.08 -14.97 -1.60
C GLU A 52 10.71 -14.65 -3.02
N LYS A 53 9.84 -15.46 -3.61
CA LYS A 53 9.46 -15.26 -4.99
C LYS A 53 8.56 -14.02 -5.13
N TYR A 54 8.06 -13.47 -4.01
CA TYR A 54 7.27 -12.25 -4.07
C TYR A 54 8.12 -10.98 -4.24
N GLU A 55 9.39 -11.04 -3.88
CA GLU A 55 10.21 -9.82 -3.78
C GLU A 55 10.39 -9.11 -5.12
N GLU A 56 10.47 -9.87 -6.20
CA GLU A 56 10.61 -9.25 -7.50
C GLU A 56 9.39 -8.42 -7.85
N PHE A 57 8.21 -8.97 -7.60
CA PHE A 57 6.97 -8.24 -7.83
C PHE A 57 6.89 -7.03 -6.90
N ILE A 58 7.33 -7.22 -5.66
CA ILE A 58 7.28 -6.14 -4.67
C ILE A 58 8.16 -4.97 -5.12
N LYS A 59 9.38 -5.30 -5.53
CA LYS A 59 10.33 -4.30 -5.99
C LYS A 59 9.85 -3.55 -7.24
N LYS A 60 9.48 -4.30 -8.27
CA LYS A 60 9.01 -3.65 -9.49
C LYS A 60 7.77 -2.81 -9.26
N SER A 61 6.83 -3.32 -8.46
CA SER A 61 5.60 -2.59 -8.21
C SER A 61 5.93 -1.25 -7.54
N THR A 62 6.88 -1.30 -6.62
CA THR A 62 7.26 -0.10 -5.87
C THR A 62 7.92 0.93 -6.81
N TYR A 63 8.83 0.47 -7.66
CA TYR A 63 9.42 1.35 -8.67
C TYR A 63 8.38 1.92 -9.61
N ARG A 64 7.45 1.10 -10.05
CA ARG A 64 6.41 1.58 -10.95
C ARG A 64 5.56 2.67 -10.32
N LEU A 65 5.23 2.50 -9.05
CA LEU A 65 4.39 3.51 -8.41
C LEU A 65 5.17 4.79 -8.28
N ILE A 66 6.45 4.64 -7.95
CA ILE A 66 7.30 5.85 -7.79
C ILE A 66 7.42 6.60 -9.11
N ASP A 67 7.74 5.85 -10.17
CA ASP A 67 7.84 6.41 -11.52
C ASP A 67 6.58 7.19 -11.92
N SER A 68 5.41 6.55 -11.78
CA SER A 68 4.14 7.16 -12.11
C SER A 68 3.86 8.39 -11.23
N ALA A 69 4.18 8.26 -9.95
CA ALA A 69 3.87 9.33 -9.02
C ALA A 69 4.73 10.56 -9.28
N LEU A 70 6.01 10.33 -9.56
CA LEU A 70 6.95 11.43 -9.68
C LEU A 70 6.67 12.34 -10.88
N LYS A 71 5.85 11.91 -11.83
CA LYS A 71 5.42 12.80 -12.91
C LYS A 71 4.52 13.96 -12.45
N ASN A 72 3.85 13.77 -11.32
CA ASN A 72 2.88 14.77 -10.83
C ASN A 72 3.12 15.20 -9.38
N TYR A 73 3.80 14.38 -8.58
CA TYR A 73 3.91 14.65 -7.14
C TYR A 73 5.33 14.52 -6.62
N TRP A 74 5.67 15.25 -5.56
CA TRP A 74 6.86 14.87 -4.78
C TRP A 74 6.68 13.43 -4.26
N VAL A 75 7.77 12.69 -4.14
CA VAL A 75 7.68 11.34 -3.60
C VAL A 75 8.72 11.20 -2.52
N ILE A 76 8.28 10.71 -1.35
CA ILE A 76 9.21 10.26 -0.33
C ILE A 76 9.32 8.74 -0.35
N VAL A 77 10.52 8.25 -0.64
CA VAL A 77 10.70 6.80 -0.68
C VAL A 77 11.06 6.27 0.71
N ASP A 78 10.10 5.60 1.32
CA ASP A 78 10.23 5.13 2.68
C ASP A 78 10.70 3.67 2.71
N ASP A 79 12.00 3.46 2.66
CA ASP A 79 12.59 2.14 2.56
C ASP A 79 13.99 2.19 3.09
N THR A 80 14.46 1.04 3.55
CA THR A 80 15.78 0.94 4.13
C THR A 80 16.83 1.33 3.11
N ASN A 81 16.64 0.85 1.89
CA ASN A 81 17.59 1.20 0.84
C ASN A 81 19.01 0.94 1.32
N TYR A 82 19.23 -0.30 1.75
CA TYR A 82 20.47 -0.74 2.40
C TYR A 82 21.69 -0.75 1.47
N TYR A 83 21.45 -0.97 0.19
CA TYR A 83 22.51 -1.14 -0.81
C TYR A 83 22.58 0.07 -1.73
N ASN A 84 23.79 0.48 -2.14
CA ASN A 84 23.89 1.60 -3.06
C ASN A 84 23.16 1.35 -4.39
N SER A 85 23.05 0.08 -4.77
CA SER A 85 22.34 -0.27 -6.00
C SER A 85 20.87 0.14 -5.96
N MET A 86 20.27 0.14 -4.78
CA MET A 86 18.87 0.54 -4.68
C MET A 86 18.74 2.04 -4.82
N ARG A 87 19.65 2.76 -4.17
CA ARG A 87 19.60 4.19 -4.22
C ARG A 87 19.89 4.62 -5.67
N ARG A 88 20.70 3.84 -6.37
CA ARG A 88 20.94 4.14 -7.78
C ARG A 88 19.68 3.98 -8.64
N ASP A 89 18.96 2.87 -8.43
CA ASP A 89 17.72 2.60 -9.20
C ASP A 89 16.74 3.74 -9.00
N LEU A 90 16.67 4.27 -7.79
CA LEU A 90 15.74 5.35 -7.51
C LEU A 90 16.16 6.68 -8.16
N ILE A 91 17.44 7.02 -8.00
CA ILE A 91 17.96 8.23 -8.59
C ILE A 91 17.74 8.19 -10.10
N ASN A 92 17.83 7.01 -10.72
CA ASN A 92 17.60 6.86 -12.16
C ASN A 92 16.15 7.13 -12.55
N ILE A 93 15.23 7.00 -11.61
CA ILE A 93 13.85 7.37 -11.89
C ILE A 93 13.74 8.89 -11.95
N ALA A 94 14.42 9.56 -11.03
CA ALA A 94 14.44 11.03 -11.06
C ALA A 94 15.15 11.51 -12.33
N LYS A 95 16.25 10.84 -12.67
CA LYS A 95 16.98 11.19 -13.89
C LYS A 95 16.11 11.08 -15.15
N LYS A 96 15.26 10.08 -15.19
CA LYS A 96 14.41 9.87 -16.36
C LYS A 96 13.51 11.08 -16.62
N TYR A 97 13.00 11.68 -15.54
CA TYR A 97 12.07 12.79 -15.67
C TYR A 97 12.71 14.15 -15.35
N ASN A 98 14.04 14.17 -15.26
CA ASN A 98 14.78 15.39 -14.94
C ASN A 98 14.27 16.06 -13.68
N LYS A 99 14.09 15.28 -12.62
CA LYS A 99 13.67 15.82 -11.33
C LYS A 99 14.85 15.86 -10.38
N ASN A 100 14.90 16.84 -9.48
CA ASN A 100 15.96 16.82 -8.50
C ASN A 100 15.69 15.71 -7.49
N TYR A 101 16.69 15.36 -6.70
CA TYR A 101 16.51 14.31 -5.69
C TYR A 101 17.34 14.67 -4.47
N ALA A 102 16.97 14.14 -3.32
CA ALA A 102 17.75 14.30 -2.11
C ALA A 102 17.72 13.02 -1.31
N ILE A 103 18.89 12.51 -0.96
CA ILE A 103 19.00 11.36 -0.08
C ILE A 103 19.04 11.89 1.35
N ILE A 104 18.19 11.35 2.20
CA ILE A 104 18.18 11.72 3.60
C ILE A 104 18.52 10.46 4.37
N TYR A 105 19.66 10.49 5.05
CA TYR A 105 20.16 9.33 5.77
C TYR A 105 19.86 9.49 7.25
N LEU A 106 19.04 8.59 7.78
CA LEU A 106 18.61 8.62 9.19
C LEU A 106 19.53 7.68 9.97
N LYS A 107 20.12 8.16 11.06
CA LYS A 107 21.04 7.36 11.84
C LYS A 107 20.59 7.25 13.29
N ALA A 108 21.00 6.16 13.93
CA ALA A 108 20.93 6.04 15.37
C ALA A 108 21.90 4.92 15.80
N SER A 109 22.33 4.94 17.05
CA SER A 109 23.30 3.96 17.49
C SER A 109 22.66 2.58 17.49
N LEU A 110 23.48 1.54 17.42
CA LEU A 110 22.99 0.16 17.50
C LEU A 110 22.15 -0.09 18.74
N ASP A 111 22.59 0.43 19.88
CA ASP A 111 21.85 0.21 21.11
C ASP A 111 20.44 0.79 21.00
N VAL A 112 20.32 1.95 20.34
CA VAL A 112 19.02 2.56 20.13
C VAL A 112 18.15 1.72 19.20
N LEU A 113 18.72 1.23 18.10
CA LEU A 113 17.95 0.40 17.17
C LEU A 113 17.45 -0.88 17.84
N ILE A 114 18.29 -1.51 18.63
CA ILE A 114 17.89 -2.72 19.34
C ILE A 114 16.72 -2.44 20.29
N ARG A 115 16.87 -1.41 21.13
CA ARG A 115 15.81 -1.08 22.08
C ARG A 115 14.52 -0.70 21.36
N ARG A 116 14.63 0.00 20.24
CA ARG A 116 13.43 0.29 19.48
C ARG A 116 12.81 -0.98 18.92
N ASN A 117 13.64 -1.91 18.50
CA ASN A 117 13.18 -3.18 17.92
C ASN A 117 12.44 -3.98 18.99
N ILE A 118 13.04 -4.02 20.17
CA ILE A 118 12.42 -4.68 21.30
C ILE A 118 11.03 -4.09 21.60
N GLU A 119 10.91 -2.77 21.56
CA GLU A 119 9.62 -2.13 21.86
C GLU A 119 8.55 -2.35 20.79
N ARG A 120 8.96 -2.67 19.58
CA ARG A 120 7.96 -2.89 18.52
C ARG A 120 7.62 -4.37 18.37
N GLY A 121 8.08 -5.19 19.30
CA GLY A 121 7.76 -6.61 19.26
C GLY A 121 8.78 -7.45 18.53
N GLU A 122 10.05 -7.04 18.60
CA GLU A 122 11.18 -7.70 17.92
C GLU A 122 10.80 -8.51 16.68
N LYS A 123 10.18 -7.85 15.70
CA LYS A 123 9.71 -8.54 14.52
C LYS A 123 10.89 -9.03 13.67
N ILE A 124 11.82 -8.12 13.36
CA ILE A 124 13.12 -8.56 12.85
C ILE A 124 13.98 -8.94 14.05
N PRO A 125 14.76 -10.01 13.91
CA PRO A 125 15.57 -10.44 15.05
C PRO A 125 16.65 -9.42 15.40
N ASN A 126 16.92 -9.27 16.69
CA ASN A 126 17.96 -8.34 17.16
C ASN A 126 19.31 -8.67 16.54
N GLU A 127 19.66 -9.95 16.51
CA GLU A 127 20.91 -10.39 15.90
C GLU A 127 21.04 -9.97 14.44
N VAL A 128 19.91 -9.92 13.73
CA VAL A 128 19.95 -9.55 12.32
C VAL A 128 20.21 -8.05 12.15
N ILE A 129 19.69 -7.25 13.09
CA ILE A 129 19.89 -5.80 13.04
C ILE A 129 21.36 -5.52 13.35
N LYS A 130 21.89 -6.30 14.29
CA LYS A 130 23.29 -6.16 14.64
C LYS A 130 24.21 -6.45 13.43
N LYS A 131 23.93 -7.52 12.70
CA LYS A 131 24.73 -7.82 11.51
C LYS A 131 24.59 -6.72 10.46
N MET A 132 23.35 -6.28 10.22
CA MET A 132 23.12 -5.20 9.24
C MET A 132 23.91 -3.94 9.59
N TYR A 133 23.91 -3.63 10.87
CA TYR A 133 24.64 -2.47 11.37
C TYR A 133 26.13 -2.58 11.09
N GLU A 134 26.69 -3.74 11.43
CA GLU A 134 28.12 -3.99 11.20
C GLU A 134 28.48 -3.90 9.70
N LYS A 135 27.61 -4.40 8.84
CA LYS A 135 27.85 -4.55 7.42
C LYS A 135 27.45 -3.35 6.56
N PHE A 136 26.70 -2.42 7.12
CA PHE A 136 26.16 -1.30 6.36
C PHE A 136 27.24 -0.38 5.80
N ASP A 137 27.24 -0.19 4.49
CA ASP A 137 28.07 0.85 3.88
C ASP A 137 27.28 2.16 3.88
N GLU A 138 27.67 3.11 4.72
CA GLU A 138 26.93 4.37 4.80
C GLU A 138 26.92 5.08 3.44
N PRO A 139 25.82 5.78 3.13
CA PRO A 139 25.71 6.40 1.80
C PRO A 139 26.80 7.44 1.55
N GLY A 140 27.23 7.56 0.30
CA GLY A 140 28.19 8.58 -0.09
C GLY A 140 29.63 8.14 0.08
N LYS A 141 29.85 6.95 0.61
CA LYS A 141 31.22 6.51 0.89
C LYS A 141 31.96 6.05 -0.37
N LYS A 142 31.27 6.00 -1.50
CA LYS A 142 31.83 5.48 -2.73
C LYS A 142 31.59 6.43 -3.91
N TYR A 143 30.33 6.75 -4.16
CA TYR A 143 29.94 7.60 -5.29
C TYR A 143 29.41 8.96 -4.86
N LYS A 144 29.75 9.98 -5.65
CA LYS A 144 29.36 11.34 -5.31
C LYS A 144 27.86 11.55 -5.43
N TRP A 145 27.22 10.82 -6.34
CA TRP A 145 25.76 10.94 -6.52
C TRP A 145 24.99 10.37 -5.31
N ASP A 146 25.72 9.65 -4.46
CA ASP A 146 25.12 8.92 -3.35
C ASP A 146 25.32 9.68 -2.04
N GLU A 147 25.86 10.89 -2.11
CA GLU A 147 26.06 11.68 -0.91
C GLU A 147 24.72 12.17 -0.37
N PRO A 148 24.50 12.01 0.94
CA PRO A 148 23.27 12.51 1.54
C PRO A 148 23.13 14.01 1.49
N PHE A 149 21.92 14.46 1.22
CA PHE A 149 21.60 15.88 1.32
C PHE A 149 21.51 16.28 2.80
N LEU A 150 20.97 15.39 3.61
CA LEU A 150 20.89 15.58 5.06
C LEU A 150 21.26 14.29 5.73
N ILE A 151 21.95 14.40 6.87
CA ILE A 151 22.16 13.26 7.75
C ILE A 151 21.50 13.65 9.05
N ILE A 152 20.59 12.81 9.52
CA ILE A 152 19.76 13.15 10.65
C ILE A 152 19.88 12.11 11.76
N ASP A 153 20.26 12.61 12.93
CA ASP A 153 20.36 11.82 14.13
C ASP A 153 18.98 11.72 14.77
N THR A 154 18.37 10.55 14.73
CA THR A 154 16.98 10.43 15.15
C THR A 154 16.83 10.31 16.69
N THR A 155 17.94 10.47 17.41
CA THR A 155 17.86 10.56 18.88
C THR A 155 17.91 12.03 19.30
N LYS A 156 18.05 12.93 18.33
CA LYS A 156 18.05 14.34 18.66
C LYS A 156 16.81 15.02 18.08
N ASP A 157 16.51 16.22 18.55
CA ASP A 157 15.35 16.96 18.06
C ASP A 157 15.47 17.13 16.54
N ILE A 158 14.40 16.88 15.80
CA ILE A 158 14.51 17.14 14.36
C ILE A 158 13.57 18.27 13.91
N ASP A 159 14.14 19.27 13.24
CA ASP A 159 13.39 20.47 12.87
C ASP A 159 12.74 20.32 11.49
N PHE A 160 11.51 19.83 11.45
CA PHE A 160 10.86 19.56 10.16
C PHE A 160 10.60 20.80 9.30
N ASN A 161 10.37 21.95 9.94
CA ASN A 161 10.20 23.19 9.19
C ASN A 161 11.49 23.55 8.45
N GLU A 162 12.61 23.42 9.15
CA GLU A 162 13.92 23.72 8.56
C GLU A 162 14.17 22.78 7.40
N ILE A 163 13.95 21.49 7.62
CA ILE A 163 14.09 20.47 6.59
C ILE A 163 13.22 20.75 5.38
N ALA A 164 11.94 21.05 5.61
CA ALA A 164 11.04 21.46 4.52
C ALA A 164 11.60 22.65 3.75
N LYS A 165 12.00 23.69 4.49
CA LYS A 165 12.55 24.87 3.86
C LYS A 165 13.69 24.49 2.92
N LYS A 166 14.60 23.67 3.43
CA LYS A 166 15.78 23.27 2.68
C LYS A 166 15.43 22.46 1.43
N LEU A 167 14.45 21.56 1.56
CA LEU A 167 14.03 20.73 0.42
C LEU A 167 13.33 21.55 -0.62
N ILE A 168 12.51 22.52 -0.21
CA ILE A 168 11.85 23.25 -1.28
C ILE A 168 12.83 24.18 -1.98
N GLU A 169 13.84 24.65 -1.26
CA GLU A 169 14.93 25.39 -1.91
C GLU A 169 15.61 24.49 -2.95
N LYS A 170 15.96 23.26 -2.52
CA LYS A 170 16.64 22.31 -3.41
C LYS A 170 15.81 22.00 -4.65
N SER A 171 14.49 21.93 -4.48
CA SER A 171 13.63 21.51 -5.60
C SER A 171 13.70 22.49 -6.78
N LYS A 172 14.03 23.73 -6.49
CA LYS A 172 14.11 24.80 -7.48
C LYS A 172 15.44 24.85 -8.23
N GLU A 173 16.40 24.04 -7.77
CA GLU A 173 17.73 23.98 -8.37
C GLU A 173 17.75 23.11 -9.63
N ILE A 174 18.68 23.39 -10.52
CA ILE A 174 18.89 22.53 -11.68
C ILE A 174 19.43 21.16 -11.25
N PRO A 175 18.72 20.08 -11.63
CA PRO A 175 19.20 18.76 -11.21
C PRO A 175 20.56 18.42 -11.83
N LYS A 176 21.49 17.93 -11.02
CA LYS A 176 22.82 17.48 -11.48
C LYS A 176 23.03 16.00 -11.18
N PHE A 177 23.40 15.22 -12.20
CA PHE A 177 23.55 13.78 -12.01
C PHE A 177 24.99 13.31 -12.25
N ASN A 189 22.69 -5.74 -9.07
CA ASN A 189 23.68 -6.67 -8.54
C ASN A 189 23.08 -7.96 -8.00
N ILE A 190 23.66 -9.08 -8.43
CA ILE A 190 23.24 -10.41 -8.02
C ILE A 190 23.75 -10.68 -6.61
N SER A 191 24.92 -10.15 -6.32
CA SER A 191 25.49 -10.29 -4.99
C SER A 191 24.58 -9.61 -3.96
N ASP A 192 24.08 -8.42 -4.30
CA ASP A 192 23.12 -7.71 -3.46
C ASP A 192 21.83 -8.49 -3.27
N LYS A 193 21.29 -9.09 -4.35
CA LYS A 193 20.07 -9.86 -4.20
C LYS A 193 20.30 -11.08 -3.31
N ILE A 194 21.40 -11.77 -3.52
CA ILE A 194 21.69 -12.95 -2.71
C ILE A 194 21.86 -12.53 -1.24
N ASP A 195 22.53 -11.41 -1.04
CA ASP A 195 22.78 -10.93 0.31
C ASP A 195 21.46 -10.57 0.97
N LYS A 196 20.62 -9.87 0.22
CA LYS A 196 19.33 -9.40 0.74
C LYS A 196 18.35 -10.53 1.04
N GLU A 197 18.22 -11.47 0.12
CA GLU A 197 17.21 -12.52 0.29
C GLU A 197 17.65 -13.60 1.29
N THR A 198 18.93 -13.92 1.37
CA THR A 198 19.35 -14.87 2.39
C THR A 198 19.10 -14.28 3.78
N ARG A 199 19.23 -12.96 3.90
CA ARG A 199 18.94 -12.33 5.18
C ARG A 199 17.44 -12.44 5.51
N LYS A 200 16.61 -12.13 4.54
CA LYS A 200 15.16 -12.24 4.76
C LYS A 200 14.75 -13.67 5.10
N ILE A 201 15.32 -14.64 4.37
CA ILE A 201 15.01 -16.06 4.62
C ILE A 201 15.38 -16.44 6.06
N VAL A 202 16.57 -16.03 6.48
CA VAL A 202 17.01 -16.26 7.85
C VAL A 202 16.02 -15.70 8.88
N SER A 203 15.63 -14.43 8.70
CA SER A 203 14.69 -13.76 9.61
C SER A 203 13.36 -14.49 9.68
N GLU A 204 12.83 -14.88 8.53
CA GLU A 204 11.59 -15.63 8.47
C GLU A 204 11.68 -16.98 9.18
N TYR A 205 12.78 -17.72 8.97
CA TYR A 205 12.96 -19.01 9.64
C TYR A 205 13.01 -18.82 11.13
N ILE A 206 13.75 -17.82 11.58
CA ILE A 206 13.85 -17.53 13.00
C ILE A 206 12.46 -17.26 13.59
N LYS A 207 11.69 -16.39 12.94
CA LYS A 207 10.36 -16.06 13.42
C LYS A 207 9.39 -17.23 13.33
N SER A 208 9.39 -17.88 12.16
CA SER A 208 8.53 -19.04 11.93
C SER A 208 8.76 -20.14 12.96
N LYS A 209 10.01 -20.60 13.04
CA LYS A 209 10.39 -21.73 13.87
C LYS A 209 10.66 -21.32 15.32
N LYS A 210 10.39 -20.06 15.62
CA LYS A 210 10.67 -19.51 16.94
C LYS A 210 11.96 -20.08 17.52
N LEU A 211 13.09 -19.69 16.93
CA LEU A 211 14.40 -20.17 17.37
C LEU A 211 14.85 -19.49 18.65
N ASP A 212 15.51 -20.23 19.53
CA ASP A 212 16.08 -19.65 20.74
C ASP A 212 17.31 -18.82 20.42
N LYS A 213 17.84 -18.12 21.42
CA LYS A 213 18.90 -17.15 21.17
C LYS A 213 20.17 -17.81 20.65
N ASP A 214 20.47 -19.02 21.11
CA ASP A 214 21.66 -19.72 20.63
C ASP A 214 21.50 -20.22 19.20
N LYS A 215 20.32 -20.75 18.88
CA LYS A 215 20.00 -21.17 17.51
C LYS A 215 20.04 -19.97 16.56
N ILE A 216 19.54 -18.83 17.01
CA ILE A 216 19.60 -17.63 16.20
C ILE A 216 21.05 -17.32 15.81
N LYS A 217 21.93 -17.25 16.79
CA LYS A 217 23.35 -17.04 16.53
C LYS A 217 23.87 -18.05 15.52
N GLU A 218 23.46 -19.32 15.67
CA GLU A 218 23.94 -20.37 14.78
C GLU A 218 23.54 -20.14 13.33
N VAL A 219 22.29 -19.75 13.09
CA VAL A 219 21.83 -19.61 11.70
C VAL A 219 22.39 -18.35 11.07
N VAL A 220 22.55 -17.31 11.86
CA VAL A 220 23.22 -16.11 11.37
C VAL A 220 24.65 -16.45 10.99
N GLU A 221 25.32 -17.26 11.80
CA GLU A 221 26.67 -17.69 11.46
C GLU A 221 26.71 -18.61 10.23
N LEU A 222 25.71 -19.49 10.14
CA LEU A 222 25.57 -20.37 8.99
C LEU A 222 25.48 -19.55 7.71
N ARG A 223 24.64 -18.53 7.74
CA ARG A 223 24.52 -17.65 6.58
C ARG A 223 25.85 -17.05 6.18
N LYS A 224 26.57 -16.53 7.18
CA LYS A 224 27.87 -15.89 6.92
C LYS A 224 28.82 -16.86 6.23
N GLU A 225 28.88 -18.09 6.73
CA GLU A 225 29.78 -19.10 6.19
C GLU A 225 29.36 -19.44 4.78
N PHE A 226 28.05 -19.57 4.58
CA PHE A 226 27.51 -19.97 3.28
C PHE A 226 27.88 -18.91 2.25
N LEU A 227 27.73 -17.64 2.61
CA LEU A 227 28.05 -16.56 1.69
C LEU A 227 29.55 -16.48 1.36
N LYS A 228 30.39 -16.87 2.31
CA LYS A 228 31.83 -16.89 2.03
C LYS A 228 32.11 -17.93 0.95
N LYS A 229 31.42 -19.06 1.03
CA LYS A 229 31.54 -20.11 0.01
C LYS A 229 31.03 -19.65 -1.35
N ILE A 230 29.85 -19.03 -1.34
CA ILE A 230 29.28 -18.48 -2.57
C ILE A 230 30.22 -17.51 -3.27
N LYS A 231 30.83 -16.60 -2.50
CA LYS A 231 31.73 -15.60 -3.08
C LYS A 231 33.06 -16.21 -3.58
N LYS A 232 33.83 -16.79 -2.66
CA LYS A 232 35.11 -17.42 -3.01
C LYS A 232 34.87 -18.69 -3.80
N VAL A 236 27.26 -16.95 -10.62
CA VAL A 236 26.30 -17.52 -9.70
C VAL A 236 24.88 -17.42 -10.23
N ASP A 237 24.06 -18.42 -9.92
CA ASP A 237 22.64 -18.37 -10.23
C ASP A 237 21.80 -18.10 -8.98
N ALA A 238 21.17 -16.94 -8.91
CA ALA A 238 20.43 -16.55 -7.70
C ALA A 238 19.47 -17.64 -7.20
N ASP A 239 18.63 -18.17 -8.08
CA ASP A 239 17.58 -19.07 -7.62
C ASP A 239 18.12 -20.38 -7.08
N ARG A 240 19.23 -20.83 -7.65
CA ARG A 240 19.87 -22.05 -7.22
C ARG A 240 20.50 -21.78 -5.87
N VAL A 241 21.20 -20.65 -5.79
CA VAL A 241 21.84 -20.24 -4.55
C VAL A 241 20.81 -20.11 -3.42
N LEU A 242 19.68 -19.46 -3.69
CA LEU A 242 18.67 -19.28 -2.64
C LEU A 242 17.94 -20.58 -2.31
N LYS A 243 17.67 -21.40 -3.32
CA LYS A 243 17.06 -22.69 -3.05
C LYS A 243 17.97 -23.55 -2.16
N GLU A 244 19.27 -23.54 -2.45
CA GLU A 244 20.22 -24.32 -1.68
C GLU A 244 20.31 -23.76 -0.27
N PHE A 245 20.26 -22.43 -0.15
CA PHE A 245 20.25 -21.82 1.17
C PHE A 245 19.07 -22.33 2.01
N LYS A 246 17.88 -22.34 1.43
CA LYS A 246 16.72 -22.89 2.13
C LYS A 246 16.97 -24.34 2.54
N ASP A 247 17.42 -25.15 1.59
CA ASP A 247 17.62 -26.57 1.85
C ASP A 247 18.62 -26.72 2.99
N LEU A 248 19.61 -25.82 3.02
CA LEU A 248 20.63 -25.89 4.06
C LEU A 248 20.04 -25.58 5.42
N LEU A 249 19.26 -24.51 5.53
CA LEU A 249 18.63 -24.22 6.79
C LEU A 249 17.77 -25.39 7.28
N ASN A 250 17.00 -26.02 6.37
CA ASN A 250 16.16 -27.17 6.71
C ASN A 250 17.04 -28.31 7.22
N SER A 251 18.05 -28.64 6.43
CA SER A 251 19.03 -29.67 6.81
C SER A 251 19.64 -29.39 8.16
N TYR A 252 19.98 -28.12 8.42
CA TYR A 252 20.62 -27.73 9.66
C TYR A 252 19.66 -27.73 10.84
N MET B 1 -0.44 -24.97 -7.74
CA MET B 1 -1.45 -25.94 -8.16
C MET B 1 -1.88 -25.68 -9.60
N GLY B 2 -2.95 -24.89 -9.74
CA GLY B 2 -3.54 -24.66 -11.03
C GLY B 2 -3.66 -23.20 -11.39
N ASP B 3 -4.84 -22.63 -11.15
CA ASP B 3 -5.26 -21.43 -11.85
C ASP B 3 -5.32 -20.18 -10.96
N ILE B 4 -5.31 -19.02 -11.61
CA ILE B 4 -5.41 -17.72 -10.93
C ILE B 4 -6.81 -17.15 -11.05
N MET B 5 -7.26 -16.45 -10.02
CA MET B 5 -8.60 -15.91 -10.03
C MET B 5 -8.64 -14.49 -9.44
N LEU B 6 -9.51 -13.64 -10.00
CA LEU B 6 -9.80 -12.31 -9.44
C LEU B 6 -11.03 -12.34 -8.54
N ILE B 7 -10.86 -11.93 -7.29
CA ILE B 7 -11.95 -11.85 -6.34
C ILE B 7 -12.25 -10.37 -6.10
N ILE B 8 -13.47 -9.98 -6.43
CA ILE B 8 -13.89 -8.59 -6.33
C ILE B 8 -14.83 -8.43 -5.16
N LEU B 9 -14.41 -7.72 -4.12
CA LEU B 9 -15.32 -7.45 -3.02
C LEU B 9 -16.26 -6.28 -3.35
N THR B 10 -17.42 -6.27 -2.72
CA THR B 10 -18.29 -5.11 -2.79
C THR B 10 -19.13 -5.06 -1.53
N GLY B 11 -19.34 -3.84 -1.05
CA GLY B 11 -20.05 -3.62 0.19
C GLY B 11 -19.75 -2.25 0.77
N LEU B 12 -20.69 -1.77 1.57
CA LEU B 12 -20.61 -0.42 2.12
C LEU B 12 -19.55 -0.23 3.20
N PRO B 13 -19.15 1.02 3.43
CA PRO B 13 -18.12 1.28 4.46
C PRO B 13 -18.50 0.73 5.81
N GLY B 14 -17.54 0.06 6.44
CA GLY B 14 -17.75 -0.54 7.74
C GLY B 14 -18.28 -1.95 7.70
N VAL B 15 -18.59 -2.47 6.51
CA VAL B 15 -19.22 -3.78 6.40
C VAL B 15 -18.25 -4.90 6.78
N GLY B 16 -16.95 -4.66 6.61
CA GLY B 16 -15.94 -5.62 7.02
C GLY B 16 -15.13 -6.17 5.85
N LYS B 17 -15.02 -5.38 4.79
CA LYS B 17 -14.27 -5.82 3.61
C LYS B 17 -12.81 -6.11 3.94
N SER B 18 -12.17 -5.21 4.67
CA SER B 18 -10.74 -5.36 4.91
C SER B 18 -10.50 -6.54 5.86
N THR B 19 -11.31 -6.65 6.90
CA THR B 19 -11.26 -7.81 7.79
C THR B 19 -11.50 -9.14 7.05
N PHE B 20 -12.53 -9.17 6.21
CA PHE B 20 -12.82 -10.32 5.37
C PHE B 20 -11.64 -10.66 4.46
N SER B 21 -11.05 -9.63 3.85
CA SER B 21 -9.95 -9.85 2.93
C SER B 21 -8.80 -10.55 3.64
N LYS B 22 -8.46 -10.07 4.83
CA LYS B 22 -7.32 -10.63 5.57
C LYS B 22 -7.58 -12.08 5.96
N ASN B 23 -8.80 -12.36 6.39
CA ASN B 23 -9.17 -13.73 6.77
C ASN B 23 -9.16 -14.68 5.59
N LEU B 24 -9.72 -14.22 4.47
CA LEU B 24 -9.75 -15.02 3.24
C LEU B 24 -8.35 -15.24 2.69
N ALA B 25 -7.53 -14.19 2.68
CA ALA B 25 -6.15 -14.33 2.20
C ALA B 25 -5.42 -15.37 3.04
N LYS B 26 -5.67 -15.35 4.35
CA LYS B 26 -5.01 -16.31 5.24
C LYS B 26 -5.42 -17.75 4.92
N ILE B 27 -6.69 -18.00 4.70
CA ILE B 27 -7.09 -19.37 4.41
C ILE B 27 -6.64 -19.84 3.03
N LEU B 28 -6.66 -18.93 2.04
CA LEU B 28 -6.12 -19.29 0.73
C LEU B 28 -4.63 -19.61 0.80
N SER B 29 -3.88 -18.80 1.55
CA SER B 29 -2.44 -19.06 1.64
C SER B 29 -2.19 -20.37 2.38
N LYS B 30 -3.02 -20.68 3.37
CA LYS B 30 -2.92 -21.97 4.05
C LYS B 30 -3.04 -23.14 3.08
N ASN B 31 -3.78 -22.94 2.00
CA ASN B 31 -3.88 -23.94 0.94
C ASN B 31 -2.82 -23.74 -0.16
N ASN B 32 -1.79 -22.97 0.17
CA ASN B 32 -0.67 -22.78 -0.75
C ASN B 32 -1.06 -21.99 -1.99
N ILE B 33 -2.08 -21.15 -1.87
CA ILE B 33 -2.47 -20.27 -2.97
C ILE B 33 -1.73 -18.96 -2.81
N ASP B 34 -1.12 -18.44 -3.88
CA ASP B 34 -0.46 -17.14 -3.79
C ASP B 34 -1.49 -16.09 -4.07
N VAL B 35 -1.78 -15.28 -3.06
CA VAL B 35 -2.82 -14.27 -3.15
C VAL B 35 -2.35 -12.92 -2.58
N ILE B 36 -2.79 -11.83 -3.17
CA ILE B 36 -2.45 -10.49 -2.70
C ILE B 36 -3.73 -9.67 -2.57
N VAL B 37 -3.82 -8.87 -1.53
CA VAL B 37 -5.02 -8.06 -1.29
C VAL B 37 -4.73 -6.63 -1.72
N LEU B 38 -5.48 -6.11 -2.69
CA LEU B 38 -5.20 -4.76 -3.21
C LEU B 38 -6.47 -3.94 -3.17
N GLY B 39 -6.35 -2.71 -2.71
CA GLY B 39 -7.48 -1.80 -2.61
C GLY B 39 -7.00 -0.37 -2.79
N SER B 40 -7.91 0.51 -3.17
CA SER B 40 -7.50 1.87 -3.48
C SER B 40 -6.95 2.62 -2.25
N ASP B 41 -7.34 2.21 -1.04
CA ASP B 41 -6.83 2.88 0.17
C ASP B 41 -5.31 2.73 0.36
N LEU B 42 -4.70 1.69 -0.23
CA LEU B 42 -3.23 1.58 -0.21
C LEU B 42 -2.57 2.86 -0.70
N ILE B 43 -3.02 3.33 -1.87
CA ILE B 43 -2.48 4.52 -2.48
C ILE B 43 -3.11 5.79 -1.89
N ARG B 44 -4.43 5.78 -1.70
CA ARG B 44 -5.09 6.96 -1.10
C ARG B 44 -4.45 7.38 0.23
N GLU B 45 -4.20 6.41 1.10
CA GLU B 45 -3.64 6.67 2.41
C GLU B 45 -2.12 6.91 2.43
N SER B 46 -1.48 6.87 1.26
CA SER B 46 -0.05 7.17 1.18
C SER B 46 0.18 8.66 1.04
N PHE B 47 -0.89 9.40 0.71
CA PHE B 47 -0.82 10.87 0.76
C PHE B 47 -1.15 11.33 2.18
N PRO B 48 -0.56 12.47 2.60
CA PRO B 48 -0.81 12.95 3.97
C PRO B 48 -2.19 13.59 4.12
N VAL B 49 -2.81 13.96 3.00
CA VAL B 49 -4.11 14.64 3.02
C VAL B 49 -4.88 14.14 1.83
N TRP B 50 -6.16 14.46 1.77
CA TRP B 50 -6.96 14.09 0.63
C TRP B 50 -7.25 15.31 -0.24
N LYS B 51 -7.07 15.16 -1.54
CA LYS B 51 -7.48 16.16 -2.48
C LYS B 51 -8.13 15.41 -3.63
N GLU B 52 -9.21 15.98 -4.16
CA GLU B 52 -9.97 15.33 -5.22
C GLU B 52 -9.12 15.01 -6.44
N LYS B 53 -8.12 15.85 -6.71
CA LYS B 53 -7.27 15.68 -7.90
C LYS B 53 -6.37 14.46 -7.80
N TYR B 54 -6.27 13.88 -6.60
CA TYR B 54 -5.49 12.65 -6.42
C TYR B 54 -6.21 11.42 -6.96
N GLU B 55 -7.55 11.48 -7.02
CA GLU B 55 -8.33 10.27 -7.19
C GLU B 55 -8.12 9.54 -8.51
N GLU B 56 -7.96 10.26 -9.61
CA GLU B 56 -7.64 9.65 -10.89
C GLU B 56 -6.31 8.85 -10.83
N PHE B 57 -5.30 9.41 -10.17
CA PHE B 57 -4.03 8.71 -9.96
C PHE B 57 -4.20 7.46 -9.10
N ILE B 58 -5.02 7.61 -8.05
CA ILE B 58 -5.28 6.54 -7.11
C ILE B 58 -5.96 5.41 -7.85
N LYS B 59 -6.98 5.77 -8.63
CA LYS B 59 -7.74 4.77 -9.39
C LYS B 59 -6.83 4.02 -10.34
N LYS B 60 -6.11 4.77 -11.16
CA LYS B 60 -5.32 4.17 -12.21
C LYS B 60 -4.18 3.36 -11.64
N SER B 61 -3.57 3.85 -10.55
CA SER B 61 -2.47 3.12 -9.91
C SER B 61 -2.93 1.76 -9.38
N THR B 62 -4.11 1.76 -8.78
CA THR B 62 -4.70 0.57 -8.18
C THR B 62 -5.05 -0.44 -9.29
N TYR B 63 -5.67 0.04 -10.37
CA TYR B 63 -5.96 -0.88 -11.47
C TYR B 63 -4.68 -1.46 -12.07
N ARG B 64 -3.63 -0.65 -12.15
CA ARG B 64 -2.37 -1.15 -12.70
C ARG B 64 -1.72 -2.18 -11.80
N LEU B 65 -1.77 -1.97 -10.48
CA LEU B 65 -1.27 -2.98 -9.56
C LEU B 65 -2.03 -4.31 -9.66
N ILE B 66 -3.35 -4.21 -9.74
CA ILE B 66 -4.22 -5.37 -9.89
C ILE B 66 -3.94 -6.14 -11.18
N ASP B 67 -3.82 -5.41 -12.27
CA ASP B 67 -3.47 -5.94 -13.59
C ASP B 67 -2.14 -6.67 -13.51
N SER B 68 -1.12 -6.01 -12.98
CA SER B 68 0.20 -6.64 -12.92
C SER B 68 0.20 -7.87 -12.01
N ALA B 69 -0.50 -7.80 -10.88
CA ALA B 69 -0.52 -8.91 -9.94
C ALA B 69 -1.25 -10.12 -10.51
N LEU B 70 -2.30 -9.87 -11.28
CA LEU B 70 -3.19 -10.98 -11.67
C LEU B 70 -2.47 -11.89 -12.64
N LYS B 71 -1.36 -11.40 -13.19
CA LYS B 71 -0.56 -12.24 -14.06
C LYS B 71 0.07 -13.42 -13.34
N ASN B 72 0.25 -13.28 -12.02
CA ASN B 72 0.94 -14.28 -11.25
C ASN B 72 0.24 -14.73 -9.98
N TYR B 73 -0.70 -13.94 -9.47
CA TYR B 73 -1.31 -14.25 -8.17
C TYR B 73 -2.82 -14.11 -8.23
N TRP B 74 -3.51 -14.85 -7.37
CA TRP B 74 -4.89 -14.49 -7.06
C TRP B 74 -4.87 -13.07 -6.51
N VAL B 75 -5.91 -12.31 -6.80
CA VAL B 75 -6.00 -10.96 -6.26
C VAL B 75 -7.35 -10.80 -5.58
N ILE B 76 -7.35 -10.30 -4.36
CA ILE B 76 -8.59 -9.90 -3.69
C ILE B 76 -8.68 -8.38 -3.74
N VAL B 77 -9.71 -7.87 -4.40
CA VAL B 77 -9.88 -6.41 -4.52
C VAL B 77 -10.70 -5.92 -3.36
N ASP B 78 -10.03 -5.25 -2.43
CA ASP B 78 -10.61 -4.77 -1.19
C ASP B 78 -11.04 -3.31 -1.38
N ASP B 79 -12.23 -3.12 -1.93
CA ASP B 79 -12.77 -1.76 -2.13
C ASP B 79 -14.28 -1.85 -2.10
N THR B 80 -14.90 -0.71 -1.78
CA THR B 80 -16.35 -0.62 -1.74
C THR B 80 -17.02 -1.00 -3.06
N ASN B 81 -16.47 -0.51 -4.17
CA ASN B 81 -16.97 -0.87 -5.49
C ASN B 81 -18.47 -0.57 -5.54
N TYR B 82 -18.78 0.65 -5.15
CA TYR B 82 -20.16 1.12 -4.98
C TYR B 82 -20.91 1.18 -6.31
N TYR B 83 -20.20 1.46 -7.40
CA TYR B 83 -20.78 1.60 -8.74
C TYR B 83 -20.55 0.37 -9.60
N ASN B 84 -21.54 0.01 -10.42
CA ASN B 84 -21.31 -1.14 -11.26
C ASN B 84 -20.20 -0.88 -12.29
N SER B 85 -19.99 0.39 -12.66
CA SER B 85 -18.87 0.71 -13.57
C SER B 85 -17.51 0.26 -13.02
N MET B 86 -17.33 0.33 -11.71
CA MET B 86 -16.08 -0.13 -11.10
C MET B 86 -15.94 -1.64 -11.19
N ARG B 87 -17.03 -2.36 -10.94
CA ARG B 87 -16.98 -3.80 -11.03
C ARG B 87 -16.74 -4.24 -12.46
N ARG B 88 -17.29 -3.48 -13.41
CA ARG B 88 -17.04 -3.73 -14.83
C ARG B 88 -15.55 -3.59 -15.16
N ASP B 89 -14.93 -2.50 -14.71
CA ASP B 89 -13.53 -2.22 -14.98
C ASP B 89 -12.67 -3.34 -14.47
N LEU B 90 -13.00 -3.83 -13.28
CA LEU B 90 -12.21 -4.92 -12.68
C LEU B 90 -12.40 -6.25 -13.47
N ILE B 91 -13.65 -6.55 -13.82
CA ILE B 91 -13.91 -7.71 -14.63
C ILE B 91 -13.14 -7.67 -15.94
N ASN B 92 -13.05 -6.49 -16.55
CA ASN B 92 -12.28 -6.37 -17.77
C ASN B 92 -10.80 -6.70 -17.61
N ILE B 93 -10.27 -6.56 -16.41
CA ILE B 93 -8.90 -6.97 -16.17
C ILE B 93 -8.78 -8.50 -16.20
N ALA B 94 -9.68 -9.19 -15.49
CA ALA B 94 -9.75 -10.65 -15.56
C ALA B 94 -9.90 -11.11 -17.02
N LYS B 95 -10.75 -10.42 -17.76
CA LYS B 95 -11.07 -10.82 -19.13
C LYS B 95 -9.84 -10.67 -20.02
N LYS B 96 -9.09 -9.62 -19.77
CA LYS B 96 -7.87 -9.33 -20.52
C LYS B 96 -6.84 -10.47 -20.43
N TYR B 97 -6.80 -11.13 -19.28
CA TYR B 97 -5.92 -12.27 -19.06
C TYR B 97 -6.66 -13.61 -19.02
N ASN B 98 -7.92 -13.64 -19.47
CA ASN B 98 -8.70 -14.87 -19.49
C ASN B 98 -8.68 -15.60 -18.14
N LYS B 99 -8.90 -14.86 -17.07
CA LYS B 99 -8.93 -15.41 -15.72
C LYS B 99 -10.35 -15.40 -15.24
N ASN B 100 -10.70 -16.42 -14.45
CA ASN B 100 -11.96 -16.45 -13.75
C ASN B 100 -12.06 -15.25 -12.81
N TYR B 101 -13.28 -14.89 -12.43
CA TYR B 101 -13.49 -13.89 -11.38
C TYR B 101 -14.71 -14.26 -10.57
N ALA B 102 -14.74 -13.72 -9.37
CA ALA B 102 -15.87 -13.89 -8.45
C ALA B 102 -16.12 -12.61 -7.70
N ILE B 103 -17.35 -12.10 -7.82
CA ILE B 103 -17.77 -10.97 -7.01
C ILE B 103 -18.29 -11.55 -5.70
N ILE B 104 -17.82 -11.00 -4.60
CA ILE B 104 -18.34 -11.38 -3.29
C ILE B 104 -18.98 -10.16 -2.66
N TYR B 105 -20.29 -10.22 -2.47
CA TYR B 105 -21.04 -9.10 -1.93
C TYR B 105 -21.21 -9.25 -0.42
N LEU B 106 -20.63 -8.31 0.33
CA LEU B 106 -20.70 -8.34 1.79
C LEU B 106 -21.84 -7.43 2.24
N LYS B 107 -22.71 -7.94 3.10
CA LYS B 107 -23.85 -7.13 3.57
C LYS B 107 -23.94 -7.06 5.08
N ALA B 108 -24.61 -6.03 5.56
CA ALA B 108 -24.96 -5.89 6.96
C ALA B 108 -26.03 -4.82 7.08
N SER B 109 -26.77 -4.85 8.19
CA SER B 109 -27.84 -3.90 8.43
C SER B 109 -27.27 -2.48 8.64
N LEU B 110 -28.05 -1.46 8.27
CA LEU B 110 -27.62 -0.09 8.49
C LEU B 110 -27.20 0.07 9.94
N ASP B 111 -28.03 -0.46 10.84
CA ASP B 111 -27.74 -0.47 12.28
C ASP B 111 -26.30 -0.82 12.58
N VAL B 112 -25.87 -1.96 12.07
CA VAL B 112 -24.54 -2.50 12.35
C VAL B 112 -23.46 -1.65 11.69
N LEU B 113 -23.71 -1.23 10.46
CA LEU B 113 -22.78 -0.32 9.78
C LEU B 113 -22.46 0.92 10.62
N ILE B 114 -23.49 1.56 11.17
CA ILE B 114 -23.30 2.76 11.98
C ILE B 114 -22.56 2.49 13.28
N ARG B 115 -22.97 1.44 13.98
CA ARG B 115 -22.30 1.12 15.23
C ARG B 115 -20.81 0.90 15.00
N ARG B 116 -20.49 0.17 13.93
CA ARG B 116 -19.11 -0.05 13.55
C ARG B 116 -18.40 1.26 13.24
N ASN B 117 -19.04 2.07 12.39
CA ASN B 117 -18.50 3.38 12.09
C ASN B 117 -18.19 4.13 13.37
N ILE B 118 -19.21 4.36 14.19
CA ILE B 118 -19.05 5.02 15.48
C ILE B 118 -17.91 4.41 16.25
N GLU B 119 -17.81 3.09 16.19
CA GLU B 119 -16.81 2.34 16.94
C GLU B 119 -15.39 2.61 16.45
N ARG B 120 -15.28 3.42 15.40
CA ARG B 120 -13.97 3.79 14.85
C ARG B 120 -13.77 5.30 14.81
N GLY B 121 -14.64 6.03 15.50
CA GLY B 121 -14.52 7.47 15.60
C GLY B 121 -15.29 8.24 14.55
N GLU B 122 -16.18 7.53 13.86
CA GLU B 122 -16.98 8.14 12.79
C GLU B 122 -16.09 8.78 11.72
N LYS B 123 -15.07 8.06 11.29
CA LYS B 123 -14.15 8.56 10.26
C LYS B 123 -14.90 9.03 9.01
N ILE B 124 -16.02 8.39 8.69
CA ILE B 124 -16.93 8.89 7.69
C ILE B 124 -18.21 9.24 8.42
N PRO B 125 -18.83 10.38 8.06
CA PRO B 125 -20.07 10.76 8.75
C PRO B 125 -21.12 9.67 8.69
N ASN B 126 -21.77 9.40 9.82
CA ASN B 126 -22.85 8.41 9.87
C ASN B 126 -23.94 8.75 8.88
N GLU B 127 -24.22 10.04 8.75
CA GLU B 127 -25.27 10.52 7.87
C GLU B 127 -24.97 10.13 6.42
N VAL B 128 -23.69 10.14 6.06
CA VAL B 128 -23.28 9.75 4.71
C VAL B 128 -23.42 8.24 4.47
N ILE B 129 -23.05 7.46 5.47
CA ILE B 129 -23.23 6.01 5.35
C ILE B 129 -24.72 5.72 5.11
N LYS B 130 -25.57 6.39 5.87
CA LYS B 130 -27.02 6.22 5.73
C LYS B 130 -27.49 6.46 4.31
N LYS B 131 -27.00 7.55 3.72
CA LYS B 131 -27.37 7.93 2.36
C LYS B 131 -26.81 6.94 1.34
N MET B 132 -25.63 6.39 1.61
CA MET B 132 -25.05 5.40 0.71
C MET B 132 -25.91 4.14 0.79
N TYR B 133 -26.35 3.82 1.99
CA TYR B 133 -27.17 2.64 2.22
C TYR B 133 -28.45 2.72 1.40
N GLU B 134 -29.09 3.88 1.42
CA GLU B 134 -30.31 4.10 0.64
C GLU B 134 -30.10 3.97 -0.86
N LYS B 135 -29.04 4.59 -1.37
CA LYS B 135 -28.85 4.68 -2.81
C LYS B 135 -28.11 3.49 -3.43
N PHE B 136 -27.58 2.60 -2.58
CA PHE B 136 -26.82 1.46 -3.10
C PHE B 136 -27.66 0.56 -4.00
N ASP B 137 -27.14 0.29 -5.19
CA ASP B 137 -27.67 -0.77 -6.03
C ASP B 137 -26.86 -2.03 -5.82
N GLU B 138 -27.50 -3.06 -5.31
CA GLU B 138 -26.81 -4.32 -5.04
C GLU B 138 -26.33 -4.96 -6.34
N PRO B 139 -25.19 -5.66 -6.27
CA PRO B 139 -24.62 -6.30 -7.47
C PRO B 139 -25.66 -7.19 -8.15
N GLY B 140 -25.66 -7.20 -9.49
CA GLY B 140 -26.45 -8.13 -10.27
C GLY B 140 -27.87 -7.64 -10.51
N LYS B 141 -28.17 -6.45 -10.03
CA LYS B 141 -29.49 -5.87 -10.21
C LYS B 141 -29.83 -5.76 -11.69
N LYS B 142 -28.81 -5.59 -12.53
CA LYS B 142 -29.03 -5.25 -13.93
C LYS B 142 -28.36 -6.20 -14.91
N TYR B 143 -27.07 -6.47 -14.72
CA TYR B 143 -26.33 -7.34 -15.63
C TYR B 143 -26.00 -8.69 -15.02
N LYS B 144 -26.01 -9.74 -15.83
CA LYS B 144 -25.70 -11.07 -15.34
C LYS B 144 -24.21 -11.20 -14.97
N TRP B 145 -23.33 -10.53 -15.72
CA TRP B 145 -21.91 -10.52 -15.39
C TRP B 145 -21.62 -9.92 -14.00
N ASP B 146 -22.59 -9.18 -13.47
CA ASP B 146 -22.45 -8.47 -12.21
C ASP B 146 -23.00 -9.25 -11.01
N GLU B 147 -23.50 -10.46 -11.26
CA GLU B 147 -24.10 -11.25 -10.18
C GLU B 147 -23.05 -11.81 -9.23
N PRO B 148 -23.26 -11.62 -7.92
CA PRO B 148 -22.36 -12.13 -6.89
C PRO B 148 -22.19 -13.62 -6.96
N PHE B 149 -20.95 -14.08 -6.91
CA PHE B 149 -20.65 -15.49 -6.71
C PHE B 149 -21.10 -15.91 -5.30
N LEU B 150 -20.80 -15.05 -4.32
CA LEU B 150 -21.25 -15.26 -2.96
C LEU B 150 -21.83 -14.01 -2.36
N ILE B 151 -22.86 -14.18 -1.54
CA ILE B 151 -23.41 -13.07 -0.78
C ILE B 151 -23.15 -13.41 0.67
N ILE B 152 -22.40 -12.58 1.38
CA ILE B 152 -22.05 -12.89 2.77
C ILE B 152 -22.74 -11.95 3.74
N ASP B 153 -23.46 -12.54 4.69
CA ASP B 153 -24.02 -11.76 5.79
C ASP B 153 -22.98 -11.59 6.88
N THR B 154 -22.40 -10.39 7.00
CA THR B 154 -21.34 -10.18 7.98
C THR B 154 -21.87 -10.00 9.41
N THR B 155 -23.18 -10.08 9.57
CA THR B 155 -23.79 -10.02 10.91
C THR B 155 -23.65 -11.41 11.56
N LYS B 156 -23.22 -12.38 10.78
CA LYS B 156 -23.14 -13.76 11.24
C LYS B 156 -21.76 -14.34 11.03
N ASP B 157 -21.47 -15.46 11.71
CA ASP B 157 -20.19 -16.13 11.53
C ASP B 157 -20.03 -16.58 10.09
N ILE B 158 -18.78 -16.56 9.63
CA ILE B 158 -18.46 -16.85 8.25
C ILE B 158 -17.58 -18.09 8.20
N ASP B 159 -17.97 -19.06 7.37
CA ASP B 159 -17.19 -20.27 7.17
C ASP B 159 -16.17 -20.08 6.05
N PHE B 160 -14.97 -19.64 6.40
CA PHE B 160 -13.94 -19.34 5.40
C PHE B 160 -13.41 -20.59 4.70
N ASN B 161 -13.49 -21.74 5.36
CA ASN B 161 -13.05 -22.97 4.71
C ASN B 161 -14.00 -23.30 3.57
N GLU B 162 -15.28 -23.07 3.81
CA GLU B 162 -16.31 -23.31 2.80
C GLU B 162 -16.11 -22.37 1.63
N ILE B 163 -15.89 -21.09 1.93
CA ILE B 163 -15.64 -20.07 0.91
C ILE B 163 -14.40 -20.41 0.08
N ALA B 164 -13.29 -20.75 0.73
CA ALA B 164 -12.08 -21.13 0.00
C ALA B 164 -12.35 -22.32 -0.93
N LYS B 165 -13.01 -23.35 -0.41
CA LYS B 165 -13.39 -24.49 -1.24
C LYS B 165 -14.18 -24.07 -2.49
N LYS B 166 -15.20 -23.25 -2.31
CA LYS B 166 -16.01 -22.81 -3.44
C LYS B 166 -15.20 -22.01 -4.45
N LEU B 167 -14.32 -21.13 -3.97
CA LEU B 167 -13.49 -20.33 -4.88
C LEU B 167 -12.49 -21.20 -5.64
N ILE B 168 -11.86 -22.12 -4.95
CA ILE B 168 -10.90 -22.99 -5.62
C ILE B 168 -11.58 -23.81 -6.71
N GLU B 169 -12.79 -24.29 -6.42
CA GLU B 169 -13.57 -24.97 -7.44
C GLU B 169 -13.86 -24.03 -8.59
N LYS B 170 -14.24 -22.80 -8.27
CA LYS B 170 -14.54 -21.85 -9.35
C LYS B 170 -13.31 -21.63 -10.22
N SER B 171 -12.13 -21.56 -9.61
CA SER B 171 -10.94 -21.19 -10.36
C SER B 171 -10.52 -22.25 -11.38
N LYS B 172 -11.07 -23.45 -11.30
CA LYS B 172 -10.73 -24.52 -12.23
C LYS B 172 -11.70 -24.57 -13.40
N GLU B 173 -12.72 -23.72 -13.35
CA GLU B 173 -13.69 -23.63 -14.43
C GLU B 173 -13.13 -22.90 -15.66
N ILE B 174 -13.72 -23.17 -16.81
CA ILE B 174 -13.35 -22.44 -18.03
C ILE B 174 -14.01 -21.07 -17.98
N PRO B 175 -13.20 -19.99 -18.04
CA PRO B 175 -13.75 -18.64 -17.91
C PRO B 175 -14.71 -18.28 -19.05
N LYS B 176 -15.75 -17.51 -18.72
CA LYS B 176 -16.79 -17.13 -19.67
C LYS B 176 -17.12 -15.63 -19.54
N PHE B 177 -16.91 -14.88 -20.62
CA PHE B 177 -17.28 -13.47 -20.63
C PHE B 177 -18.24 -13.17 -21.79
N ASN B 188 -23.60 7.03 -17.39
CA ASN B 188 -22.20 7.25 -17.74
C ASN B 188 -21.30 7.33 -16.51
N ASN B 189 -20.01 7.11 -16.71
CA ASN B 189 -19.07 7.14 -15.59
C ASN B 189 -18.68 8.55 -15.19
N ILE B 190 -19.06 9.55 -15.99
CA ILE B 190 -18.86 10.93 -15.57
C ILE B 190 -19.83 11.20 -14.45
N SER B 191 -21.01 10.59 -14.54
CA SER B 191 -22.03 10.75 -13.51
C SER B 191 -21.59 10.06 -12.22
N ASP B 192 -20.99 8.87 -12.36
CA ASP B 192 -20.44 8.15 -11.22
C ASP B 192 -19.33 8.96 -10.57
N LYS B 193 -18.45 9.51 -11.40
CA LYS B 193 -17.34 10.31 -10.90
C LYS B 193 -17.85 11.53 -10.10
N ILE B 194 -18.83 12.23 -10.65
CA ILE B 194 -19.38 13.38 -9.94
C ILE B 194 -20.13 12.95 -8.67
N ASP B 195 -20.98 11.94 -8.78
CA ASP B 195 -21.65 11.39 -7.60
C ASP B 195 -20.63 11.05 -6.50
N LYS B 196 -19.57 10.37 -6.91
CA LYS B 196 -18.55 9.86 -6.00
C LYS B 196 -17.76 10.97 -5.33
N GLU B 197 -17.20 11.88 -6.13
CA GLU B 197 -16.38 12.94 -5.53
C GLU B 197 -17.19 13.98 -4.72
N THR B 198 -18.40 14.33 -5.16
CA THR B 198 -19.18 15.22 -4.33
C THR B 198 -19.45 14.57 -2.96
N ARG B 199 -19.67 13.25 -2.92
CA ARG B 199 -19.86 12.56 -1.63
C ARG B 199 -18.61 12.70 -0.74
N LYS B 200 -17.46 12.46 -1.36
CA LYS B 200 -16.21 12.54 -0.62
C LYS B 200 -15.96 13.95 -0.13
N ILE B 201 -16.26 14.95 -0.97
CA ILE B 201 -16.06 16.35 -0.59
C ILE B 201 -16.97 16.71 0.58
N VAL B 202 -18.22 16.31 0.50
CA VAL B 202 -19.15 16.49 1.63
C VAL B 202 -18.61 15.88 2.92
N SER B 203 -18.17 14.63 2.82
CA SER B 203 -17.63 13.95 3.99
C SER B 203 -16.44 14.71 4.54
N GLU B 204 -15.54 15.19 3.67
CA GLU B 204 -14.37 15.97 4.11
C GLU B 204 -14.72 17.30 4.76
N TYR B 205 -15.76 17.99 4.28
CA TYR B 205 -16.15 19.26 4.88
C TYR B 205 -16.73 19.04 6.27
N ILE B 206 -17.62 18.07 6.37
CA ILE B 206 -18.21 17.73 7.65
C ILE B 206 -17.12 17.45 8.67
N LYS B 207 -16.18 16.59 8.31
CA LYS B 207 -15.09 16.19 9.20
C LYS B 207 -14.19 17.36 9.62
N SER B 208 -13.84 18.24 8.70
CA SER B 208 -12.79 19.24 8.95
C SER B 208 -13.31 20.57 9.51
N LYS B 209 -14.61 20.80 9.39
CA LYS B 209 -15.21 21.97 10.01
C LYS B 209 -16.05 21.56 11.22
N LYS B 210 -15.95 20.28 11.58
CA LYS B 210 -16.74 19.73 12.67
C LYS B 210 -18.15 20.28 12.66
N LEU B 211 -18.85 19.99 11.57
CA LEU B 211 -20.24 20.37 11.42
C LEU B 211 -21.08 19.68 12.48
N ASP B 212 -22.04 20.40 13.04
CA ASP B 212 -23.00 19.82 13.97
C ASP B 212 -24.00 19.01 13.17
N LYS B 213 -24.84 18.21 13.86
CA LYS B 213 -25.76 17.32 13.18
C LYS B 213 -26.70 18.03 12.19
N ASP B 214 -27.09 19.26 12.52
CA ASP B 214 -28.03 19.99 11.66
C ASP B 214 -27.37 20.59 10.43
N LYS B 215 -26.13 21.06 10.56
CA LYS B 215 -25.41 21.56 9.40
C LYS B 215 -25.13 20.38 8.46
N ILE B 216 -24.89 19.22 9.05
CA ILE B 216 -24.67 18.00 8.29
C ILE B 216 -25.85 17.65 7.38
N LYS B 217 -27.07 17.71 7.92
CA LYS B 217 -28.26 17.42 7.12
C LYS B 217 -28.45 18.41 5.98
N GLU B 218 -28.20 19.70 6.23
CA GLU B 218 -28.31 20.75 5.20
C GLU B 218 -27.37 20.48 4.02
N VAL B 219 -26.12 20.20 4.35
CA VAL B 219 -25.09 19.90 3.35
C VAL B 219 -25.37 18.65 2.53
N VAL B 220 -25.84 17.60 3.21
CA VAL B 220 -26.26 16.40 2.52
C VAL B 220 -27.38 16.72 1.54
N GLU B 221 -28.34 17.52 1.99
CA GLU B 221 -29.44 17.91 1.12
C GLU B 221 -28.94 18.86 0.03
N LEU B 222 -28.01 19.73 0.41
CA LEU B 222 -27.41 20.65 -0.54
C LEU B 222 -26.85 19.82 -1.70
N ARG B 223 -26.10 18.77 -1.37
CA ARG B 223 -25.51 17.92 -2.41
C ARG B 223 -26.56 17.32 -3.35
N LYS B 224 -27.62 16.74 -2.79
CA LYS B 224 -28.62 16.15 -3.68
C LYS B 224 -29.23 17.21 -4.60
N GLU B 225 -29.57 18.37 -4.06
CA GLU B 225 -30.10 19.46 -4.89
C GLU B 225 -29.12 19.81 -5.99
N PHE B 226 -27.86 19.96 -5.62
CA PHE B 226 -26.81 20.30 -6.57
C PHE B 226 -26.78 19.28 -7.72
N LEU B 227 -26.74 18.00 -7.36
CA LEU B 227 -26.66 16.90 -8.34
C LEU B 227 -27.87 16.84 -9.28
N LYS B 228 -29.03 17.33 -8.81
CA LYS B 228 -30.23 17.42 -9.65
C LYS B 228 -30.06 18.51 -10.71
N LYS B 229 -29.47 19.62 -10.32
CA LYS B 229 -29.23 20.73 -11.23
C LYS B 229 -28.20 20.37 -12.30
N ILE B 230 -27.12 19.70 -11.90
CA ILE B 230 -26.06 19.37 -12.86
C ILE B 230 -26.45 18.24 -13.80
N LYS B 231 -27.44 17.46 -13.39
CA LYS B 231 -27.86 16.31 -14.19
C LYS B 231 -28.50 16.76 -15.50
N ASP B 237 -17.98 18.80 -17.90
CA ASP B 237 -16.76 18.15 -17.42
C ASP B 237 -16.68 18.18 -15.89
N ALA B 238 -16.04 17.15 -15.34
CA ALA B 238 -16.03 16.92 -13.91
C ALA B 238 -15.26 17.96 -13.08
N ASP B 239 -14.11 18.41 -13.57
CA ASP B 239 -13.31 19.36 -12.81
C ASP B 239 -14.07 20.65 -12.50
N ARG B 240 -14.67 21.25 -13.53
CA ARG B 240 -15.42 22.49 -13.35
C ARG B 240 -16.56 22.32 -12.37
N VAL B 241 -17.33 21.25 -12.57
CA VAL B 241 -18.48 20.96 -11.72
C VAL B 241 -18.05 20.76 -10.28
N LEU B 242 -16.93 20.06 -10.08
CA LEU B 242 -16.45 19.81 -8.72
C LEU B 242 -15.89 21.06 -8.05
N LYS B 243 -15.24 21.93 -8.82
CA LYS B 243 -14.72 23.17 -8.26
C LYS B 243 -15.91 23.99 -7.79
N GLU B 244 -16.95 24.02 -8.60
CA GLU B 244 -18.18 24.74 -8.28
C GLU B 244 -18.87 24.16 -7.06
N PHE B 245 -18.89 22.84 -6.94
CA PHE B 245 -19.45 22.24 -5.74
C PHE B 245 -18.71 22.72 -4.49
N LYS B 246 -17.38 22.73 -4.53
CA LYS B 246 -16.60 23.21 -3.42
C LYS B 246 -16.94 24.67 -3.14
N ASP B 247 -17.08 25.46 -4.20
CA ASP B 247 -17.40 26.88 -4.04
C ASP B 247 -18.74 27.05 -3.34
N LEU B 248 -19.68 26.17 -3.67
CA LEU B 248 -21.01 26.20 -3.10
C LEU B 248 -20.95 25.91 -1.62
N LEU B 249 -20.19 24.88 -1.24
CA LEU B 249 -20.09 24.54 0.17
C LEU B 249 -19.45 25.66 0.97
N ASN B 250 -18.40 26.27 0.42
CA ASN B 250 -17.75 27.41 1.03
C ASN B 250 -18.72 28.59 1.22
N SER B 251 -19.43 28.92 0.15
CA SER B 251 -20.44 29.98 0.20
C SER B 251 -21.50 29.69 1.24
N TYR B 252 -21.96 28.43 1.27
CA TYR B 252 -23.04 28.02 2.14
C TYR B 252 -22.66 28.05 3.62
PG ANP C . 11.26 -0.36 9.36
O1G ANP C . 11.04 -1.73 10.00
O2G ANP C . 12.63 -0.34 8.73
O3G ANP C . 10.10 0.02 8.51
PB ANP C . 11.42 2.35 10.42
O1B ANP C . 10.40 2.86 9.46
O2B ANP C . 12.81 2.82 10.19
N3B ANP C . 11.30 0.73 10.58
PA ANP C . 9.59 3.36 12.39
O1A ANP C . 8.63 2.21 12.21
O2A ANP C . 9.23 4.78 12.00
O3A ANP C . 11.06 2.94 11.89
O5' ANP C . 9.93 3.47 13.98
C5' ANP C . 10.34 2.28 14.65
C4' ANP C . 10.14 2.58 16.14
O4' ANP C . 10.96 3.68 16.55
C3' ANP C . 8.70 2.99 16.37
O3' ANP C . 8.23 2.27 17.52
C2' ANP C . 8.75 4.48 16.65
O2' ANP C . 7.79 4.85 17.65
C1' ANP C . 10.16 4.73 17.11
N9 ANP C . 10.67 5.99 16.56
C8 ANP C . 10.68 6.33 15.25
N7 ANP C . 11.24 7.57 15.07
C5 ANP C . 11.61 8.00 16.27
C6 ANP C . 12.27 9.24 16.79
N6 ANP C . 12.62 10.23 15.95
N1 ANP C . 12.47 9.32 18.12
C2 ANP C . 12.10 8.32 18.95
N3 ANP C . 11.51 7.19 18.55
C4 ANP C . 11.24 6.98 17.25
MG MG D . 9.12 1.76 8.21
I IOD E . 21.86 -11.86 8.98
C1 EDO F . 30.95 10.06 -8.76
O1 EDO F . 30.19 9.00 -9.33
C2 EDO F . 31.88 9.43 -7.75
O2 EDO F . 32.37 8.20 -8.30
C1 EDO G . -3.33 -9.66 3.56
O1 EDO G . -2.80 -9.99 4.85
C2 EDO G . -3.70 -8.18 3.52
O2 EDO G . -2.96 -7.41 4.50
PG ANP H . -14.03 0.70 4.79
O1G ANP H . -15.00 0.52 3.66
O2G ANP H . -12.62 0.40 4.43
O3G ANP H . -14.14 2.02 5.52
PB ANP H . -14.40 -2.07 5.74
O1B ANP H . -13.04 -2.50 5.27
O2B ANP H . -15.61 -2.58 5.02
N3B ANP H . -14.47 -0.44 5.91
PA ANP H . -13.34 -3.10 8.18
O1A ANP H . -12.35 -1.97 8.30
O2A ANP H . -12.85 -4.47 7.86
O3A ANP H . -14.57 -2.60 7.26
O5' ANP H . -14.13 -3.26 9.58
C5' ANP H . -14.70 -2.11 10.23
C4' ANP H . -14.96 -2.46 11.69
O4' ANP H . -15.95 -3.48 11.79
C3' ANP H . -13.68 -2.98 12.31
O3' ANP H . -13.51 -2.38 13.58
C2' ANP H . -13.92 -4.48 12.43
O2' ANP H . -13.28 -5.03 13.57
C1' ANP H . -15.43 -4.62 12.47
N9 ANP H . -15.84 -5.83 11.73
C8 ANP H . -15.49 -6.14 10.48
N7 ANP H . -16.04 -7.33 10.09
C5 ANP H . -16.76 -7.78 11.13
C6 ANP H . -17.60 -8.97 11.39
N6 ANP H . -17.75 -9.92 10.44
N1 ANP H . -18.18 -9.09 12.61
C2 ANP H . -18.02 -8.14 13.55
N3 ANP H . -17.26 -7.04 13.37
C4 ANP H . -16.62 -6.80 12.20
MG MG I . -11.48 -1.35 4.35
I IOD J . -23.97 12.15 0.84
C1 EDO K . -26.82 -8.11 -19.01
O1 EDO K . -26.05 -9.30 -19.20
C2 EDO K . -28.29 -8.45 -19.18
O2 EDO K . -28.63 -9.51 -18.28
C1 EDO L . 1.20 8.74 4.19
O1 EDO L . 1.43 7.75 5.17
C2 EDO L . 1.57 10.09 4.76
O2 EDO L . 0.64 10.34 5.82
#